data_2BU6
#
_entry.id   2BU6
#
_cell.length_a   108.873
_cell.length_b   108.873
_cell.length_c   84.202
_cell.angle_alpha   90.00
_cell.angle_beta   90.00
_cell.angle_gamma   120.00
#
_symmetry.space_group_name_H-M   'P 64'
#
loop_
_entity.id
_entity.type
_entity.pdbx_description
1 polymer 'PYRUVATE DEHYDROGENASE KINASE ISOENZYME 2'
2 non-polymer (N-{4-[(ETHYLANILINO)SULFONYL]-2-METHYLPHENYL}-3,3,3-TRIFLUORO-2-HYDROXY-2-METHYLPROPANAMIDE
3 water water
#
_entity_poly.entity_id   1
_entity_poly.type   'polypeptide(L)'
_entity_poly.pdbx_seq_one_letter_code
;GSAPKYIEHFSKFSPSPLSMKQFLDFGSSNACEKTSFTFLRQELPVRLANIMKEINLLPDRVLSTPSVQLVQSWYVQSLL
DIMEFLDKDPEDHRTLSQFTDALVTIRNRHNDVVPTMAQGVLEYKDTYGDDPVSNQNIQYFLDRFYLSRISIRMLINQHT
LIFDGSTNPAHPKHIGSIDPNCNVSEVVKDAYDMAKLLCDKYYMASPDLEIQEINAANSKQPIHMVYVPSHLYHMLFELF
KNAMRATVESHESSLILPPIKVMVALGEEDLSIKMSDRGGGVPLRKIERLFSYMYSTAPTPQPGTGGTPLAGFGYGLPIS
RLYAKYFQGDLQLFSMEGFGTDAVIYLKALSTDSVERLPVYNKSAWRHYQTIQEAGDWCVPSTEPKNTSTYRVS
;
_entity_poly.pdbx_strand_id   A
#
loop_
_chem_comp.id
_chem_comp.type
_chem_comp.name
_chem_comp.formula
TF2 non-polymer (N-{4-[(ETHYLANILINO)SULFONYL]-2-METHYLPHENYL}-3,3,3-TRIFLUORO-2-HYDROXY-2-METHYLPROPANAMIDE 'C19 H21 F3 N2 O4 S'
#
# COMPACT_ATOMS: atom_id res chain seq x y z
N GLY A 1 12.94 11.57 -27.62
CA GLY A 1 13.48 10.20 -27.81
C GLY A 1 14.65 9.94 -26.88
N SER A 2 14.55 10.45 -25.65
CA SER A 2 15.62 10.28 -24.67
C SER A 2 15.18 9.58 -23.37
N ALA A 3 13.95 9.11 -23.33
CA ALA A 3 13.44 8.41 -22.15
C ALA A 3 14.42 7.41 -21.56
N PRO A 4 15.03 6.54 -22.39
CA PRO A 4 15.99 5.55 -21.90
C PRO A 4 17.19 6.21 -21.22
N LYS A 5 17.51 7.43 -21.66
CA LYS A 5 18.65 8.19 -21.13
C LYS A 5 18.35 8.72 -19.75
N TYR A 6 17.20 9.36 -19.61
CA TYR A 6 16.76 9.91 -18.33
C TYR A 6 16.72 8.82 -17.27
N ILE A 7 16.05 7.72 -17.62
CA ILE A 7 15.93 6.59 -16.71
C ILE A 7 17.30 6.13 -16.25
N GLU A 8 18.25 6.00 -17.17
CA GLU A 8 19.61 5.57 -16.82
C GLU A 8 20.27 6.60 -15.90
N HIS A 9 19.95 7.87 -16.10
CA HIS A 9 20.53 8.92 -15.28
C HIS A 9 20.03 8.82 -13.85
N PHE A 10 18.75 9.14 -13.67
CA PHE A 10 18.14 9.11 -12.34
C PHE A 10 18.16 7.76 -11.66
N SER A 11 18.32 6.69 -12.44
CA SER A 11 18.37 5.35 -11.90
C SER A 11 19.69 5.10 -11.18
N LYS A 12 20.55 6.12 -11.18
CA LYS A 12 21.84 6.01 -10.53
C LYS A 12 21.73 6.51 -9.09
N PHE A 13 20.71 7.32 -8.84
CA PHE A 13 20.44 7.84 -7.51
C PHE A 13 19.54 6.88 -6.74
N SER A 14 19.57 6.96 -5.42
CA SER A 14 18.72 6.11 -4.61
C SER A 14 17.62 6.99 -4.04
N PRO A 15 16.39 6.47 -3.95
CA PRO A 15 15.33 7.31 -3.39
C PRO A 15 15.66 7.68 -1.94
N SER A 16 15.23 8.87 -1.51
CA SER A 16 15.52 9.33 -0.17
C SER A 16 14.37 9.11 0.78
N PRO A 17 14.51 8.15 1.69
CA PRO A 17 13.44 7.85 2.65
C PRO A 17 13.18 9.01 3.59
N LEU A 18 11.91 9.38 3.72
CA LEU A 18 11.51 10.45 4.61
C LEU A 18 10.77 9.84 5.80
N SER A 19 10.85 10.51 6.94
CA SER A 19 10.19 10.03 8.15
C SER A 19 8.89 10.78 8.34
N MET A 20 7.99 10.17 9.08
CA MET A 20 6.71 10.80 9.32
C MET A 20 6.88 12.15 10.01
N LYS A 21 8.01 12.34 10.71
CA LYS A 21 8.19 13.63 11.38
C LYS A 21 8.67 14.69 10.41
N GLN A 22 9.61 14.37 9.53
CA GLN A 22 10.04 15.36 8.55
C GLN A 22 8.83 15.81 7.73
N PHE A 23 7.91 14.89 7.43
CA PHE A 23 6.70 15.22 6.68
C PHE A 23 5.86 16.21 7.48
N LEU A 24 5.87 16.02 8.80
CA LEU A 24 5.09 16.87 9.69
C LEU A 24 5.66 18.27 9.84
N ASP A 25 6.97 18.40 9.84
CA ASP A 25 7.61 19.70 9.96
C ASP A 25 7.60 20.30 8.55
N PHE A 26 6.42 20.75 8.16
CA PHE A 26 6.18 21.37 6.86
C PHE A 26 4.80 22.01 6.92
N ALA A 31 5.48 26.51 4.36
CA ALA A 31 6.91 26.28 4.59
C ALA A 31 7.65 26.25 3.27
N CYS A 32 7.25 27.13 2.34
CA CYS A 32 7.85 27.23 1.03
C CYS A 32 7.68 26.02 0.12
N GLU A 33 6.81 26.15 -0.86
CA GLU A 33 6.62 25.07 -1.80
C GLU A 33 7.78 25.13 -2.77
N LYS A 34 8.55 26.21 -2.68
CA LYS A 34 9.73 26.36 -3.52
C LYS A 34 10.65 25.25 -3.06
N THR A 35 10.79 25.15 -1.74
CA THR A 35 11.64 24.13 -1.12
C THR A 35 11.18 22.75 -1.55
N SER A 36 9.86 22.57 -1.62
CA SER A 36 9.30 21.29 -2.03
C SER A 36 9.52 21.06 -3.52
N PHE A 37 9.22 22.07 -4.32
CA PHE A 37 9.36 22.03 -5.77
C PHE A 37 10.75 21.55 -6.17
N THR A 38 11.77 22.23 -5.66
CA THR A 38 13.15 21.86 -5.97
C THR A 38 13.46 20.44 -5.51
N PHE A 39 12.85 20.02 -4.39
CA PHE A 39 13.08 18.67 -3.89
C PHE A 39 12.38 17.62 -4.76
N LEU A 40 11.08 17.82 -4.98
CA LEU A 40 10.31 16.86 -5.79
C LEU A 40 10.80 16.73 -7.23
N ARG A 41 11.41 17.80 -7.75
CA ARG A 41 11.95 17.80 -9.11
C ARG A 41 12.98 16.70 -9.30
N GLN A 42 13.73 16.43 -8.24
CA GLN A 42 14.76 15.39 -8.29
C GLN A 42 14.30 14.05 -7.71
N GLU A 43 13.51 14.10 -6.65
CA GLU A 43 13.05 12.88 -5.99
C GLU A 43 12.06 12.07 -6.83
N LEU A 44 11.00 12.71 -7.32
CA LEU A 44 10.03 12.01 -8.14
C LEU A 44 10.70 11.31 -9.32
N PRO A 45 11.58 12.02 -10.04
CA PRO A 45 12.27 11.40 -11.18
C PRO A 45 13.11 10.19 -10.75
N VAL A 46 13.78 10.33 -9.60
CA VAL A 46 14.60 9.24 -9.08
C VAL A 46 13.73 8.02 -8.76
N ARG A 47 12.57 8.27 -8.13
CA ARG A 47 11.66 7.16 -7.77
C ARG A 47 11.00 6.53 -8.99
N LEU A 48 10.57 7.36 -9.93
CA LEU A 48 9.96 6.85 -11.16
C LEU A 48 10.99 5.98 -11.89
N ALA A 49 12.21 6.50 -11.98
CA ALA A 49 13.30 5.83 -12.67
C ALA A 49 13.65 4.47 -12.07
N ASN A 50 13.74 4.41 -10.75
CA ASN A 50 14.09 3.16 -10.08
C ASN A 50 13.03 2.09 -10.35
N ILE A 51 11.76 2.45 -10.22
CA ILE A 51 10.72 1.46 -10.49
C ILE A 51 10.69 1.09 -11.98
N MET A 52 10.91 2.08 -12.85
CA MET A 52 10.92 1.84 -14.29
C MET A 52 12.13 0.99 -14.70
N LYS A 53 13.27 1.25 -14.05
CA LYS A 53 14.50 0.53 -14.34
C LYS A 53 14.37 -0.95 -13.98
N GLU A 54 13.57 -1.25 -12.96
CA GLU A 54 13.39 -2.63 -12.52
C GLU A 54 12.42 -3.36 -13.45
N ILE A 55 11.43 -2.63 -13.93
CA ILE A 55 10.44 -3.20 -14.84
C ILE A 55 11.17 -3.64 -16.11
N ASN A 56 11.90 -2.72 -16.73
CA ASN A 56 12.63 -3.01 -17.96
C ASN A 56 13.49 -4.27 -17.87
N LEU A 57 13.75 -4.72 -16.65
CA LEU A 57 14.59 -5.91 -16.48
C LEU A 57 13.89 -7.20 -16.08
N LEU A 58 12.63 -7.34 -16.48
CA LEU A 58 11.88 -8.57 -16.21
C LEU A 58 11.62 -9.23 -17.57
N PRO A 59 11.32 -10.53 -17.58
CA PRO A 59 11.06 -11.26 -18.84
C PRO A 59 10.33 -10.45 -19.90
N ASP A 60 10.78 -10.55 -21.15
CA ASP A 60 10.13 -9.83 -22.25
C ASP A 60 8.72 -10.37 -22.43
N ARG A 61 8.50 -11.55 -21.87
CA ARG A 61 7.20 -12.20 -21.93
C ARG A 61 6.21 -11.32 -21.17
N VAL A 62 6.67 -10.77 -20.05
CA VAL A 62 5.85 -9.92 -19.23
C VAL A 62 5.88 -8.48 -19.75
N LEU A 63 7.03 -8.08 -20.29
CA LEU A 63 7.19 -6.74 -20.83
C LEU A 63 6.27 -6.47 -22.02
N SER A 64 6.15 -7.46 -22.90
CA SER A 64 5.36 -7.34 -24.12
C SER A 64 3.84 -7.29 -23.98
N THR A 65 3.31 -7.63 -22.80
CA THR A 65 1.87 -7.60 -22.58
C THR A 65 1.36 -6.16 -22.56
N PRO A 66 0.22 -5.92 -23.19
CA PRO A 66 -0.40 -4.58 -23.27
C PRO A 66 -0.45 -3.89 -21.91
N SER A 67 -0.73 -4.68 -20.87
CA SER A 67 -0.83 -4.17 -19.50
C SER A 67 0.47 -3.49 -19.06
N VAL A 68 1.50 -4.31 -18.88
CA VAL A 68 2.79 -3.81 -18.46
C VAL A 68 3.24 -2.63 -19.31
N GLN A 69 3.23 -2.80 -20.63
CA GLN A 69 3.65 -1.72 -21.51
C GLN A 69 2.78 -0.49 -21.33
N LEU A 70 1.48 -0.70 -21.14
CA LEU A 70 0.55 0.43 -20.97
C LEU A 70 0.95 1.30 -19.78
N VAL A 71 1.21 0.67 -18.62
CA VAL A 71 1.58 1.44 -17.43
C VAL A 71 3.02 1.91 -17.59
N GLN A 72 3.85 1.05 -18.19
CA GLN A 72 5.24 1.38 -18.43
C GLN A 72 5.30 2.68 -19.23
N SER A 73 4.28 2.91 -20.08
CA SER A 73 4.23 4.11 -20.90
C SER A 73 3.69 5.29 -20.09
N TRP A 74 2.94 4.99 -19.04
CA TRP A 74 2.40 6.04 -18.19
C TRP A 74 3.54 6.66 -17.40
N TYR A 75 4.40 5.79 -16.87
CA TYR A 75 5.53 6.25 -16.09
C TYR A 75 6.46 7.07 -16.97
N VAL A 76 6.72 6.58 -18.18
CA VAL A 76 7.58 7.28 -19.13
C VAL A 76 7.04 8.68 -19.33
N GLN A 77 5.74 8.79 -19.52
CA GLN A 77 5.11 10.10 -19.72
C GLN A 77 5.20 10.95 -18.46
N SER A 78 5.01 10.33 -17.30
CA SER A 78 5.08 11.08 -16.05
C SER A 78 6.50 11.57 -15.80
N LEU A 79 7.49 10.75 -16.12
CA LEU A 79 8.89 11.13 -15.95
C LEU A 79 9.16 12.35 -16.82
N LEU A 80 8.74 12.30 -18.08
CA LEU A 80 8.94 13.42 -19.02
C LEU A 80 8.15 14.64 -18.60
N ASP A 81 6.97 14.39 -18.03
CA ASP A 81 6.08 15.45 -17.56
C ASP A 81 6.74 16.33 -16.49
N ILE A 82 7.67 15.76 -15.74
CA ILE A 82 8.33 16.50 -14.68
C ILE A 82 9.68 17.06 -15.11
N MET A 83 10.30 16.45 -16.12
CA MET A 83 11.59 16.91 -16.62
C MET A 83 11.53 18.42 -16.89
N GLU A 84 10.51 18.84 -17.62
CA GLU A 84 10.30 20.23 -17.99
C GLU A 84 10.83 21.22 -16.96
N PHE A 85 10.51 20.98 -15.70
CA PHE A 85 10.89 21.86 -14.59
C PHE A 85 12.34 21.81 -14.11
N LEU A 86 13.14 20.90 -14.66
CA LEU A 86 14.54 20.78 -14.23
C LEU A 86 15.36 22.05 -14.40
N ASP A 87 15.12 22.79 -15.48
CA ASP A 87 15.86 24.02 -15.73
C ASP A 87 15.05 25.24 -15.30
N LYS A 88 13.78 25.03 -14.99
CA LYS A 88 12.91 26.11 -14.56
C LYS A 88 13.40 26.73 -13.26
N ASP A 89 12.99 27.96 -13.01
CA ASP A 89 13.38 28.67 -11.80
C ASP A 89 12.16 29.03 -10.96
N PRO A 90 12.24 28.79 -9.65
CA PRO A 90 11.10 29.13 -8.80
C PRO A 90 10.96 30.64 -8.84
N GLU A 91 10.72 31.26 -7.69
CA GLU A 91 10.56 32.72 -7.65
C GLU A 91 9.32 33.11 -8.44
N ASP A 92 9.19 32.54 -9.64
CA ASP A 92 8.06 32.79 -10.52
C ASP A 92 6.84 32.06 -9.96
N HIS A 93 5.97 32.83 -9.30
CA HIS A 93 4.77 32.30 -8.68
C HIS A 93 3.88 31.49 -9.62
N ARG A 94 4.32 31.32 -10.87
CA ARG A 94 3.57 30.54 -11.83
C ARG A 94 4.39 29.34 -12.29
N THR A 95 5.69 29.38 -12.01
CA THR A 95 6.57 28.28 -12.38
C THR A 95 6.28 27.07 -11.48
N LEU A 96 5.84 27.34 -10.26
CA LEU A 96 5.56 26.27 -9.31
C LEU A 96 4.11 25.82 -9.29
N SER A 97 3.21 26.59 -9.89
CA SER A 97 1.81 26.18 -9.94
C SER A 97 1.66 25.31 -11.19
N GLN A 98 2.60 25.49 -12.11
CA GLN A 98 2.64 24.70 -13.34
C GLN A 98 2.95 23.28 -12.89
N PHE A 99 3.64 23.22 -11.76
CA PHE A 99 4.06 21.96 -11.15
C PHE A 99 2.89 21.26 -10.44
N THR A 100 2.22 21.98 -9.54
CA THR A 100 1.10 21.41 -8.81
C THR A 100 0.09 20.79 -9.77
N ASP A 101 -0.15 21.48 -10.88
CA ASP A 101 -1.08 20.97 -11.89
C ASP A 101 -0.46 19.77 -12.57
N ALA A 102 0.85 19.83 -12.75
CA ALA A 102 1.59 18.75 -13.40
C ALA A 102 1.50 17.47 -12.57
N LEU A 103 1.42 17.62 -11.24
CA LEU A 103 1.33 16.48 -10.33
C LEU A 103 -0.09 15.92 -10.29
N VAL A 104 -1.07 16.80 -10.11
CA VAL A 104 -2.47 16.40 -10.07
C VAL A 104 -2.83 15.63 -11.34
N THR A 105 -2.15 15.96 -12.44
CA THR A 105 -2.41 15.30 -13.71
C THR A 105 -1.70 13.94 -13.76
N ILE A 106 -0.48 13.89 -13.22
CA ILE A 106 0.27 12.64 -13.20
C ILE A 106 -0.45 11.61 -12.31
N ARG A 107 -0.93 12.08 -11.17
CA ARG A 107 -1.63 11.22 -10.23
C ARG A 107 -2.84 10.54 -10.87
N ASN A 108 -3.65 11.33 -11.58
CA ASN A 108 -4.83 10.79 -12.23
C ASN A 108 -4.47 9.88 -13.39
N ARG A 109 -3.36 10.17 -14.06
CA ARG A 109 -2.92 9.34 -15.17
C ARG A 109 -2.65 7.92 -14.67
N HIS A 110 -2.30 7.81 -13.39
CA HIS A 110 -1.97 6.52 -12.78
C HIS A 110 -3.05 5.92 -11.87
N ASN A 111 -4.23 6.51 -11.82
CA ASN A 111 -5.28 6.01 -10.95
C ASN A 111 -5.67 4.54 -11.11
N ASP A 112 -5.58 4.00 -12.31
CA ASP A 112 -5.98 2.62 -12.53
C ASP A 112 -4.83 1.64 -12.68
N VAL A 113 -3.68 1.99 -12.14
CA VAL A 113 -2.51 1.13 -12.25
C VAL A 113 -2.73 -0.25 -11.62
N VAL A 114 -3.43 -0.31 -10.49
CA VAL A 114 -3.65 -1.60 -9.84
C VAL A 114 -4.46 -2.56 -10.70
N PRO A 115 -5.69 -2.17 -11.09
CA PRO A 115 -6.50 -3.07 -11.93
C PRO A 115 -5.75 -3.46 -13.22
N THR A 116 -5.10 -2.48 -13.84
CA THR A 116 -4.36 -2.72 -15.08
C THR A 116 -3.27 -3.75 -14.90
N MET A 117 -2.51 -3.63 -13.81
CA MET A 117 -1.45 -4.59 -13.55
C MET A 117 -2.05 -5.96 -13.21
N ALA A 118 -3.18 -5.95 -12.49
CA ALA A 118 -3.86 -7.19 -12.12
C ALA A 118 -4.27 -7.95 -13.39
N GLN A 119 -4.62 -7.20 -14.43
CA GLN A 119 -5.01 -7.79 -15.71
C GLN A 119 -3.85 -8.58 -16.29
N GLY A 120 -2.65 -8.04 -16.13
CA GLY A 120 -1.47 -8.72 -16.63
C GLY A 120 -1.20 -9.98 -15.85
N VAL A 121 -1.62 -10.00 -14.58
CA VAL A 121 -1.42 -11.18 -13.76
C VAL A 121 -2.30 -12.29 -14.31
N LEU A 122 -3.56 -11.96 -14.58
CA LEU A 122 -4.48 -12.93 -15.13
C LEU A 122 -4.00 -13.40 -16.51
N GLU A 123 -3.46 -12.48 -17.29
CA GLU A 123 -2.94 -12.82 -18.61
C GLU A 123 -1.84 -13.86 -18.42
N TYR A 124 -0.94 -13.60 -17.49
CA TYR A 124 0.16 -14.51 -17.23
C TYR A 124 -0.36 -15.90 -16.84
N LYS A 125 -1.27 -15.95 -15.88
CA LYS A 125 -1.84 -17.22 -15.42
C LYS A 125 -2.32 -18.11 -16.57
N ASP A 126 -3.09 -17.54 -17.49
CA ASP A 126 -3.61 -18.29 -18.62
C ASP A 126 -2.60 -18.49 -19.76
N THR A 127 -1.61 -17.60 -19.84
CA THR A 127 -0.61 -17.69 -20.90
C THR A 127 0.57 -18.61 -20.58
N TYR A 128 1.00 -18.63 -19.31
CA TYR A 128 2.14 -19.44 -18.89
C TYR A 128 1.90 -20.36 -17.70
N GLY A 129 0.77 -20.22 -17.04
CA GLY A 129 0.46 -21.06 -15.89
C GLY A 129 0.79 -20.45 -14.54
N ASP A 130 0.27 -21.07 -13.48
CA ASP A 130 0.49 -20.57 -12.13
C ASP A 130 1.32 -21.50 -11.23
N ASP A 131 2.64 -21.43 -11.38
CA ASP A 131 3.57 -22.25 -10.59
C ASP A 131 4.28 -21.39 -9.55
N PRO A 132 4.82 -22.04 -8.49
CA PRO A 132 5.53 -21.36 -7.41
C PRO A 132 6.54 -20.29 -7.84
N VAL A 133 7.40 -20.61 -8.81
CA VAL A 133 8.40 -19.65 -9.26
C VAL A 133 7.75 -18.44 -9.92
N SER A 134 6.66 -18.66 -10.67
CA SER A 134 5.97 -17.54 -11.32
C SER A 134 5.35 -16.68 -10.23
N ASN A 135 4.73 -17.35 -9.27
CA ASN A 135 4.09 -16.68 -8.14
C ASN A 135 5.12 -15.86 -7.37
N GLN A 136 6.26 -16.48 -7.09
CA GLN A 136 7.35 -15.86 -6.36
C GLN A 136 7.86 -14.58 -7.03
N ASN A 137 8.17 -14.65 -8.31
CA ASN A 137 8.67 -13.49 -9.03
C ASN A 137 7.64 -12.38 -9.11
N ILE A 138 6.40 -12.75 -9.42
CA ILE A 138 5.33 -11.77 -9.50
C ILE A 138 5.15 -11.11 -8.13
N GLN A 139 5.10 -11.95 -7.09
CA GLN A 139 4.95 -11.50 -5.72
C GLN A 139 6.06 -10.50 -5.42
N TYR A 140 7.30 -10.94 -5.65
CA TYR A 140 8.46 -10.11 -5.41
C TYR A 140 8.36 -8.77 -6.13
N PHE A 141 8.03 -8.80 -7.42
CA PHE A 141 7.92 -7.59 -8.23
C PHE A 141 6.74 -6.69 -7.88
N LEU A 142 5.56 -7.28 -7.78
CA LEU A 142 4.37 -6.51 -7.46
C LEU A 142 4.46 -5.83 -6.09
N ASP A 143 5.02 -6.54 -5.10
CA ASP A 143 5.16 -5.93 -3.78
C ASP A 143 6.00 -4.65 -3.91
N ARG A 144 7.16 -4.75 -4.55
CA ARG A 144 8.03 -3.60 -4.73
C ARG A 144 7.40 -2.51 -5.58
N PHE A 145 6.84 -2.92 -6.72
CA PHE A 145 6.21 -1.98 -7.65
C PHE A 145 5.14 -1.17 -6.94
N TYR A 146 4.22 -1.88 -6.29
CA TYR A 146 3.14 -1.23 -5.58
C TYR A 146 3.62 -0.35 -4.44
N LEU A 147 4.55 -0.87 -3.63
CA LEU A 147 5.09 -0.07 -2.52
C LEU A 147 5.65 1.23 -3.10
N SER A 148 6.48 1.08 -4.14
CA SER A 148 7.06 2.23 -4.83
C SER A 148 5.96 3.20 -5.19
N ARG A 149 4.88 2.71 -5.81
CA ARG A 149 3.78 3.60 -6.20
C ARG A 149 3.19 4.32 -4.99
N ILE A 150 2.97 3.58 -3.92
CA ILE A 150 2.43 4.19 -2.70
C ILE A 150 3.29 5.37 -2.25
N SER A 151 4.61 5.18 -2.24
CA SER A 151 5.53 6.25 -1.80
C SER A 151 5.48 7.46 -2.73
N ILE A 152 5.32 7.21 -4.03
CA ILE A 152 5.25 8.32 -4.99
C ILE A 152 3.97 9.08 -4.78
N ARG A 153 2.86 8.36 -4.64
CA ARG A 153 1.58 8.99 -4.41
C ARG A 153 1.57 9.78 -3.10
N MET A 154 2.32 9.31 -2.10
CA MET A 154 2.40 10.00 -0.82
C MET A 154 2.98 11.40 -1.04
N LEU A 155 4.15 11.47 -1.66
CA LEU A 155 4.78 12.75 -1.92
C LEU A 155 3.81 13.67 -2.66
N ILE A 156 3.26 13.17 -3.76
CA ILE A 156 2.32 13.97 -4.53
C ILE A 156 1.13 14.47 -3.73
N ASN A 157 0.54 13.62 -2.91
CA ASN A 157 -0.62 14.04 -2.13
C ASN A 157 -0.22 15.06 -1.08
N GLN A 158 1.00 14.91 -0.56
CA GLN A 158 1.49 15.83 0.44
C GLN A 158 1.68 17.21 -0.16
N HIS A 159 2.22 17.27 -1.36
CA HIS A 159 2.44 18.55 -2.04
C HIS A 159 1.13 19.21 -2.45
N THR A 160 0.36 18.52 -3.29
CA THR A 160 -0.90 19.04 -3.78
C THR A 160 -1.86 19.47 -2.67
N LEU A 161 -1.97 18.67 -1.62
CA LEU A 161 -2.86 19.00 -0.51
C LEU A 161 -2.35 20.18 0.32
N ILE A 162 -1.04 20.23 0.54
CA ILE A 162 -0.43 21.30 1.31
C ILE A 162 -0.49 22.66 0.63
N PHE A 163 -0.36 22.69 -0.70
CA PHE A 163 -0.37 23.95 -1.43
C PHE A 163 -1.60 24.24 -2.29
N ASP A 164 -2.69 23.53 -2.03
CA ASP A 164 -3.96 23.70 -2.76
C ASP A 164 -4.00 24.97 -3.63
N LYS A 173 -4.47 21.87 11.16
CA LYS A 173 -4.64 20.66 11.97
C LYS A 173 -4.01 19.46 11.24
N HIS A 174 -4.35 19.29 9.98
CA HIS A 174 -3.78 18.20 9.19
C HIS A 174 -2.69 18.76 8.31
N ILE A 175 -1.59 18.02 8.17
CA ILE A 175 -0.50 18.47 7.33
C ILE A 175 -0.44 17.56 6.11
N GLY A 176 -1.25 17.91 5.12
CA GLY A 176 -1.32 17.11 3.90
C GLY A 176 -2.30 15.99 4.16
N SER A 177 -1.80 14.76 4.15
CA SER A 177 -2.65 13.61 4.40
C SER A 177 -2.35 13.07 5.81
N ILE A 178 -1.46 13.78 6.50
CA ILE A 178 -1.05 13.37 7.84
C ILE A 178 -1.81 14.06 8.97
N ASP A 179 -2.32 13.25 9.90
CA ASP A 179 -3.05 13.78 11.05
C ASP A 179 -2.08 13.56 12.21
N PRO A 180 -1.59 14.66 12.82
CA PRO A 180 -0.65 14.55 13.94
C PRO A 180 -1.34 14.04 15.20
N ASN A 181 -2.66 14.12 15.24
CA ASN A 181 -3.45 13.66 16.39
C ASN A 181 -4.49 12.63 15.97
N CYS A 182 -4.09 11.67 15.15
CA CYS A 182 -4.99 10.63 14.67
C CYS A 182 -5.55 9.76 15.77
N ASN A 183 -6.87 9.80 15.97
CA ASN A 183 -7.51 8.98 17.00
C ASN A 183 -7.85 7.65 16.33
N VAL A 184 -7.00 6.65 16.57
CA VAL A 184 -7.19 5.35 15.95
C VAL A 184 -8.58 4.76 16.07
N SER A 185 -9.12 4.72 17.29
CA SER A 185 -10.44 4.14 17.48
C SER A 185 -11.50 4.79 16.63
N GLU A 186 -11.30 6.06 16.30
CA GLU A 186 -12.26 6.79 15.48
C GLU A 186 -12.14 6.30 14.05
N VAL A 187 -10.92 6.05 13.59
CA VAL A 187 -10.78 5.56 12.23
C VAL A 187 -11.35 4.14 12.18
N VAL A 188 -11.21 3.41 13.29
CA VAL A 188 -11.74 2.06 13.37
C VAL A 188 -13.25 2.10 13.13
N LYS A 189 -13.94 2.92 13.90
CA LYS A 189 -15.40 3.06 13.78
C LYS A 189 -15.82 3.47 12.37
N ASP A 190 -15.07 4.39 11.75
CA ASP A 190 -15.42 4.82 10.40
C ASP A 190 -15.39 3.68 9.40
N ALA A 191 -14.28 2.95 9.32
CA ALA A 191 -14.17 1.83 8.38
C ALA A 191 -15.24 0.76 8.68
N TYR A 192 -15.55 0.60 9.95
CA TYR A 192 -16.56 -0.38 10.33
C TYR A 192 -17.90 0.08 9.77
N ASP A 193 -18.29 1.31 10.09
CA ASP A 193 -19.57 1.87 9.62
C ASP A 193 -19.76 1.66 8.11
N MET A 194 -18.71 1.93 7.35
CA MET A 194 -18.79 1.78 5.90
C MET A 194 -18.94 0.32 5.48
N ALA A 195 -18.18 -0.57 6.10
CA ALA A 195 -18.26 -1.98 5.74
C ALA A 195 -19.64 -2.50 6.12
N LYS A 196 -20.12 -2.06 7.28
CA LYS A 196 -21.44 -2.45 7.79
C LYS A 196 -22.54 -2.10 6.80
N LEU A 197 -22.46 -0.88 6.30
CA LEU A 197 -23.43 -0.41 5.33
C LEU A 197 -23.48 -1.37 4.15
N LEU A 198 -22.31 -1.70 3.61
CA LEU A 198 -22.24 -2.61 2.48
C LEU A 198 -22.72 -4.00 2.87
N CYS A 199 -22.28 -4.45 4.04
CA CYS A 199 -22.66 -5.76 4.52
C CYS A 199 -24.17 -5.86 4.65
N ASP A 200 -24.80 -4.81 5.16
CA ASP A 200 -26.25 -4.81 5.33
C ASP A 200 -27.00 -4.85 3.99
N LYS A 201 -26.50 -4.12 3.00
CA LYS A 201 -27.12 -4.07 1.70
C LYS A 201 -27.03 -5.38 0.93
N TYR A 202 -25.98 -6.15 1.20
CA TYR A 202 -25.79 -7.40 0.47
C TYR A 202 -26.33 -8.62 1.23
N TYR A 203 -26.16 -8.64 2.55
CA TYR A 203 -26.64 -9.77 3.34
C TYR A 203 -27.85 -9.42 4.21
N MET A 204 -28.10 -8.13 4.41
CA MET A 204 -29.22 -7.71 5.22
C MET A 204 -29.09 -8.27 6.63
N ALA A 205 -27.84 -8.29 7.10
CA ALA A 205 -27.46 -8.75 8.43
C ALA A 205 -25.99 -8.37 8.55
N SER A 206 -25.56 -7.96 9.72
CA SER A 206 -24.18 -7.58 9.90
C SER A 206 -23.86 -7.67 11.37
N PRO A 207 -22.63 -8.11 11.70
CA PRO A 207 -22.22 -8.24 13.09
C PRO A 207 -21.95 -6.88 13.68
N ASP A 208 -21.96 -6.78 15.00
CA ASP A 208 -21.69 -5.52 15.68
C ASP A 208 -20.19 -5.33 15.92
N LEU A 209 -19.84 -4.22 16.54
CA LEU A 209 -18.46 -3.91 16.82
C LEU A 209 -18.20 -3.65 18.30
N GLU A 210 -17.08 -4.15 18.78
CA GLU A 210 -16.67 -3.91 20.14
C GLU A 210 -15.24 -3.42 20.00
N ILE A 211 -14.90 -2.35 20.69
CA ILE A 211 -13.56 -1.83 20.62
C ILE A 211 -13.04 -1.71 22.02
N GLN A 212 -11.76 -2.03 22.20
CA GLN A 212 -11.14 -1.94 23.51
C GLN A 212 -9.76 -1.34 23.32
N GLU A 213 -9.42 -0.37 24.15
CA GLU A 213 -8.12 0.26 24.06
C GLU A 213 -7.26 -0.16 25.25
N ILE A 214 -5.96 -0.29 25.00
CA ILE A 214 -5.00 -0.67 26.03
C ILE A 214 -3.85 0.32 25.95
N ASN A 215 -3.97 1.46 26.62
CA ASN A 215 -2.90 2.44 26.60
C ASN A 215 -1.98 2.08 27.76
N ALA A 216 -0.98 1.25 27.47
CA ALA A 216 -0.03 0.79 28.49
C ALA A 216 0.48 1.86 29.47
N ALA A 217 1.18 2.85 28.96
CA ALA A 217 1.76 3.90 29.80
C ALA A 217 0.77 4.87 30.42
N ASN A 218 -0.35 5.11 29.75
CA ASN A 218 -1.37 6.03 30.26
C ASN A 218 -2.77 5.39 30.25
N SER A 219 -3.00 4.57 31.26
CA SER A 219 -4.25 3.83 31.46
C SER A 219 -5.53 4.25 30.73
N LYS A 220 -5.89 5.52 30.72
CA LYS A 220 -7.13 5.84 30.00
C LYS A 220 -7.13 7.05 29.11
N GLN A 221 -5.94 7.52 28.74
CA GLN A 221 -5.87 8.64 27.82
C GLN A 221 -6.19 7.99 26.47
N PRO A 222 -7.09 8.61 25.69
CA PRO A 222 -7.41 8.03 24.38
C PRO A 222 -6.13 7.84 23.55
N ILE A 223 -6.10 6.77 22.76
CA ILE A 223 -4.92 6.49 21.94
C ILE A 223 -4.85 7.31 20.67
N HIS A 224 -3.84 8.16 20.58
CA HIS A 224 -3.62 9.01 19.40
C HIS A 224 -2.23 8.71 18.88
N MET A 225 -2.02 8.99 17.61
CA MET A 225 -0.72 8.77 16.98
C MET A 225 -0.64 9.70 15.79
N VAL A 226 0.55 9.82 15.23
CA VAL A 226 0.76 10.63 14.05
C VAL A 226 0.70 9.59 12.93
N TYR A 227 -0.25 9.73 12.01
CA TYR A 227 -0.33 8.77 10.92
C TYR A 227 -1.12 9.33 9.75
N VAL A 228 -1.20 8.57 8.66
CA VAL A 228 -1.96 9.00 7.48
C VAL A 228 -3.31 8.28 7.60
N PRO A 229 -4.32 8.95 8.15
CA PRO A 229 -5.64 8.35 8.34
C PRO A 229 -6.26 7.59 7.17
N SER A 230 -6.12 8.08 5.96
CA SER A 230 -6.72 7.35 4.85
C SER A 230 -6.01 6.01 4.61
N HIS A 231 -4.73 5.92 4.95
CA HIS A 231 -4.01 4.66 4.77
C HIS A 231 -4.54 3.64 5.79
N LEU A 232 -4.70 4.11 7.02
CA LEU A 232 -5.19 3.26 8.11
C LEU A 232 -6.62 2.81 7.79
N TYR A 233 -7.42 3.73 7.27
CA TYR A 233 -8.81 3.44 6.89
C TYR A 233 -8.84 2.31 5.86
N HIS A 234 -8.04 2.45 4.81
CA HIS A 234 -7.99 1.44 3.75
C HIS A 234 -7.69 0.05 4.33
N MET A 235 -6.72 -0.02 5.24
CA MET A 235 -6.38 -1.30 5.85
C MET A 235 -7.55 -1.86 6.68
N LEU A 236 -8.09 -1.05 7.59
CA LEU A 236 -9.21 -1.48 8.43
C LEU A 236 -10.46 -1.84 7.64
N PHE A 237 -10.76 -1.07 6.60
CA PHE A 237 -11.93 -1.35 5.79
C PHE A 237 -11.83 -2.72 5.12
N GLU A 238 -10.63 -3.02 4.60
CA GLU A 238 -10.42 -4.31 3.93
C GLU A 238 -10.62 -5.45 4.92
N LEU A 239 -10.00 -5.32 6.09
CA LEU A 239 -10.12 -6.34 7.11
C LEU A 239 -11.58 -6.47 7.58
N PHE A 240 -12.27 -5.35 7.79
CA PHE A 240 -13.66 -5.43 8.22
C PHE A 240 -14.54 -6.14 7.16
N LYS A 241 -14.31 -5.84 5.89
CA LYS A 241 -15.08 -6.49 4.83
C LYS A 241 -14.94 -8.01 4.86
N ASN A 242 -13.72 -8.50 5.09
CA ASN A 242 -13.49 -9.93 5.13
C ASN A 242 -14.06 -10.59 6.36
N ALA A 243 -13.91 -9.93 7.50
CA ALA A 243 -14.41 -10.45 8.75
C ALA A 243 -15.95 -10.48 8.75
N MET A 244 -16.56 -9.52 8.04
CA MET A 244 -18.02 -9.50 8.00
C MET A 244 -18.51 -10.60 7.10
N ARG A 245 -17.95 -10.68 5.91
CA ARG A 245 -18.35 -11.70 4.95
C ARG A 245 -18.26 -13.09 5.57
N ALA A 246 -17.14 -13.36 6.25
CA ALA A 246 -16.94 -14.66 6.87
C ALA A 246 -17.86 -14.92 8.05
N THR A 247 -18.09 -13.92 8.88
CA THR A 247 -18.95 -14.11 10.04
C THR A 247 -20.37 -14.42 9.58
N VAL A 248 -20.86 -13.63 8.63
CA VAL A 248 -22.20 -13.78 8.10
C VAL A 248 -22.42 -15.13 7.42
N GLU A 249 -21.53 -15.46 6.49
CA GLU A 249 -21.66 -16.72 5.76
C GLU A 249 -21.48 -17.99 6.58
N SER A 250 -20.61 -17.94 7.58
CA SER A 250 -20.36 -19.09 8.44
C SER A 250 -21.50 -19.32 9.45
N HIS A 251 -22.42 -18.37 9.59
CA HIS A 251 -23.52 -18.52 10.55
C HIS A 251 -24.88 -18.42 9.87
N GLU A 252 -24.91 -18.76 8.58
CA GLU A 252 -26.10 -18.71 7.74
C GLU A 252 -27.23 -19.65 8.20
N SER A 253 -26.98 -20.47 9.21
CA SER A 253 -28.01 -21.37 9.68
C SER A 253 -28.01 -21.26 11.17
N SER A 254 -27.35 -20.22 11.64
CA SER A 254 -27.30 -19.96 13.06
C SER A 254 -28.11 -18.68 13.10
N LEU A 255 -28.61 -18.30 14.27
CA LEU A 255 -29.36 -17.07 14.40
C LEU A 255 -28.41 -16.09 15.07
N ILE A 256 -27.59 -16.62 15.97
CA ILE A 256 -26.61 -15.81 16.66
C ILE A 256 -25.61 -15.37 15.59
N LEU A 257 -25.10 -14.17 15.75
CA LEU A 257 -24.10 -13.64 14.81
C LEU A 257 -23.08 -12.95 15.71
N PRO A 258 -21.96 -13.63 16.09
CA PRO A 258 -20.97 -13.02 16.95
C PRO A 258 -20.46 -11.72 16.39
N PRO A 259 -20.07 -10.79 17.28
CA PRO A 259 -19.53 -9.49 16.88
C PRO A 259 -18.08 -9.57 16.50
N ILE A 260 -17.60 -8.53 15.83
CA ILE A 260 -16.22 -8.43 15.45
C ILE A 260 -15.60 -7.59 16.56
N LYS A 261 -14.53 -8.09 17.17
CA LYS A 261 -13.88 -7.38 18.26
C LYS A 261 -12.53 -6.80 17.85
N VAL A 262 -12.31 -5.55 18.23
CA VAL A 262 -11.07 -4.89 17.90
C VAL A 262 -10.40 -4.37 19.14
N MET A 263 -9.11 -4.58 19.23
CA MET A 263 -8.33 -4.08 20.34
C MET A 263 -7.26 -3.18 19.75
N VAL A 264 -7.10 -2.02 20.36
CA VAL A 264 -6.12 -1.07 19.93
C VAL A 264 -5.22 -0.96 21.13
N ALA A 265 -3.98 -1.42 20.96
CA ALA A 265 -3.02 -1.39 22.04
C ALA A 265 -1.88 -0.46 21.67
N LEU A 266 -1.45 0.36 22.63
CA LEU A 266 -0.35 1.27 22.43
C LEU A 266 0.77 0.94 23.43
N GLY A 267 1.92 0.54 22.91
CA GLY A 267 3.05 0.21 23.76
C GLY A 267 4.14 1.24 23.57
N GLU A 268 5.36 1.00 24.09
CA GLU A 268 6.45 1.96 23.96
C GLU A 268 6.84 2.26 22.51
N GLU A 269 6.80 1.25 21.66
CA GLU A 269 7.15 1.49 20.26
C GLU A 269 6.13 0.98 19.24
N ASP A 270 5.26 0.08 19.66
CA ASP A 270 4.24 -0.47 18.78
C ASP A 270 2.88 0.07 19.09
N LEU A 271 2.07 0.25 18.05
CA LEU A 271 0.69 0.65 18.21
C LEU A 271 0.03 -0.47 17.40
N SER A 272 -0.60 -1.41 18.09
CA SER A 272 -1.19 -2.56 17.41
C SER A 272 -2.70 -2.57 17.39
N ILE A 273 -3.25 -3.05 16.29
CA ILE A 273 -4.70 -3.13 16.14
C ILE A 273 -5.06 -4.54 15.77
N LYS A 274 -5.76 -5.22 16.67
CA LYS A 274 -6.17 -6.57 16.37
C LYS A 274 -7.67 -6.63 16.09
N MET A 275 -8.03 -7.34 15.02
CA MET A 275 -9.44 -7.51 14.68
C MET A 275 -9.72 -9.01 14.73
N SER A 276 -10.58 -9.41 15.66
CA SER A 276 -10.94 -10.82 15.84
C SER A 276 -12.35 -11.10 15.45
N ASP A 277 -12.53 -12.08 14.57
CA ASP A 277 -13.86 -12.49 14.13
C ASP A 277 -14.04 -13.97 14.41
N ARG A 278 -15.29 -14.44 14.41
CA ARG A 278 -15.60 -15.85 14.64
C ARG A 278 -16.24 -16.35 13.36
N GLY A 279 -15.64 -15.96 12.23
CA GLY A 279 -16.14 -16.32 10.92
C GLY A 279 -15.79 -17.69 10.38
N GLY A 280 -15.53 -18.63 11.28
CA GLY A 280 -15.22 -19.98 10.84
C GLY A 280 -13.73 -20.28 10.71
N GLY A 281 -12.93 -19.28 10.37
CA GLY A 281 -11.51 -19.51 10.25
C GLY A 281 -11.14 -20.05 8.90
N VAL A 282 -9.83 -20.15 8.67
CA VAL A 282 -9.30 -20.66 7.41
C VAL A 282 -8.12 -21.60 7.68
N PRO A 283 -8.01 -22.70 6.91
CA PRO A 283 -6.91 -23.64 7.09
C PRO A 283 -5.58 -22.93 6.89
N LEU A 284 -4.59 -23.24 7.73
CA LEU A 284 -3.28 -22.61 7.62
C LEU A 284 -2.76 -22.59 6.18
N ARG A 285 -2.96 -23.68 5.42
CA ARG A 285 -2.46 -23.70 4.05
C ARG A 285 -3.06 -22.66 3.12
N LYS A 286 -4.28 -22.23 3.38
CA LYS A 286 -4.91 -21.22 2.51
C LYS A 286 -4.53 -19.80 2.92
N ILE A 287 -4.12 -19.62 4.17
CA ILE A 287 -3.73 -18.30 4.65
C ILE A 287 -2.57 -17.80 3.82
N GLU A 288 -1.56 -18.64 3.70
CA GLU A 288 -0.37 -18.33 2.95
C GLU A 288 -0.69 -17.83 1.54
N ARG A 289 -1.83 -18.27 1.01
CA ARG A 289 -2.26 -17.91 -0.34
C ARG A 289 -3.17 -16.69 -0.41
N LEU A 290 -3.62 -16.18 0.74
CA LEU A 290 -4.48 -15.01 0.77
C LEU A 290 -3.74 -13.72 0.43
N PHE A 291 -2.43 -13.70 0.62
CA PHE A 291 -1.66 -12.50 0.32
C PHE A 291 -0.98 -12.57 -1.05
N SER A 292 -1.18 -13.67 -1.75
CA SER A 292 -0.57 -13.86 -3.07
C SER A 292 -1.37 -13.16 -4.18
N TYR A 293 -0.69 -12.33 -4.96
CA TYR A 293 -1.38 -11.63 -6.05
C TYR A 293 -1.88 -12.61 -7.09
N MET A 294 -1.04 -13.59 -7.44
CA MET A 294 -1.40 -14.56 -8.45
C MET A 294 -2.55 -15.47 -8.07
N TYR A 295 -2.47 -16.08 -6.89
CA TYR A 295 -3.50 -16.99 -6.42
C TYR A 295 -4.80 -16.27 -6.05
N SER A 296 -4.72 -14.97 -5.77
CA SER A 296 -5.90 -14.20 -5.41
C SER A 296 -6.47 -13.46 -6.62
N THR A 297 -6.16 -13.96 -7.82
CA THR A 297 -6.63 -13.34 -9.05
C THR A 297 -7.52 -14.30 -9.84
N ALA A 298 -8.56 -13.74 -10.45
CA ALA A 298 -9.51 -14.53 -11.23
C ALA A 298 -10.27 -13.59 -12.18
N PRO A 299 -11.14 -14.15 -13.04
CA PRO A 299 -11.45 -15.57 -13.21
C PRO A 299 -10.29 -16.38 -13.77
N GLY A 314 -10.22 -9.50 -4.72
CA GLY A 314 -9.32 -8.45 -5.17
C GLY A 314 -7.98 -8.51 -4.46
N TYR A 315 -7.24 -7.39 -4.49
CA TYR A 315 -5.93 -7.32 -3.85
C TYR A 315 -5.95 -6.55 -2.53
N GLY A 316 -7.10 -6.49 -1.88
CA GLY A 316 -7.25 -5.79 -0.61
C GLY A 316 -6.18 -6.14 0.40
N LEU A 317 -5.99 -7.44 0.65
CA LEU A 317 -5.02 -7.90 1.61
C LEU A 317 -3.55 -7.61 1.27
N PRO A 318 -3.03 -8.19 0.18
CA PRO A 318 -1.62 -7.92 -0.13
C PRO A 318 -1.25 -6.44 -0.17
N ILE A 319 -2.15 -5.61 -0.69
CA ILE A 319 -1.87 -4.18 -0.76
C ILE A 319 -2.08 -3.49 0.57
N SER A 320 -3.03 -3.95 1.37
CA SER A 320 -3.23 -3.33 2.67
C SER A 320 -1.92 -3.53 3.44
N ARG A 321 -1.33 -4.72 3.32
CA ARG A 321 -0.09 -5.02 4.00
C ARG A 321 1.03 -4.05 3.58
N LEU A 322 1.12 -3.77 2.27
CA LEU A 322 2.12 -2.84 1.77
C LEU A 322 1.94 -1.48 2.44
N TYR A 323 0.69 -1.06 2.65
CA TYR A 323 0.48 0.22 3.31
C TYR A 323 1.02 0.19 4.74
N ALA A 324 0.92 -0.98 5.39
CA ALA A 324 1.41 -1.14 6.76
C ALA A 324 2.93 -1.04 6.77
N LYS A 325 3.55 -1.80 5.87
CA LYS A 325 5.00 -1.85 5.76
C LYS A 325 5.62 -0.53 5.32
N TYR A 326 4.88 0.26 4.54
CA TYR A 326 5.39 1.53 4.05
C TYR A 326 6.02 2.38 5.15
N PHE A 327 5.44 2.36 6.34
CA PHE A 327 5.99 3.12 7.47
C PHE A 327 6.51 2.17 8.55
N GLN A 328 7.18 1.11 8.11
CA GLN A 328 7.79 0.14 9.00
C GLN A 328 6.82 -0.71 9.81
N GLY A 329 5.55 -0.74 9.44
CA GLY A 329 4.60 -1.54 10.19
C GLY A 329 4.42 -2.85 9.49
N ASP A 330 3.34 -3.57 9.80
CA ASP A 330 3.08 -4.84 9.15
C ASP A 330 1.59 -5.18 9.29
N LEU A 331 1.16 -6.26 8.64
CA LEU A 331 -0.23 -6.69 8.74
C LEU A 331 -0.15 -8.20 8.67
N GLN A 332 -0.62 -8.87 9.72
CA GLN A 332 -0.50 -10.32 9.71
C GLN A 332 -1.83 -10.99 10.00
N LEU A 333 -1.95 -12.24 9.56
CA LEU A 333 -3.16 -13.01 9.80
C LEU A 333 -2.90 -14.34 10.47
N PHE A 334 -3.82 -14.77 11.31
CA PHE A 334 -3.73 -16.07 11.97
C PHE A 334 -5.13 -16.48 12.40
N SER A 335 -5.64 -17.56 11.84
CA SER A 335 -6.96 -18.01 12.24
C SER A 335 -6.85 -19.37 12.85
N MET A 336 -8.02 -19.87 13.25
CA MET A 336 -8.21 -21.18 13.87
C MET A 336 -9.28 -21.83 13.02
N GLU A 337 -8.92 -22.73 12.12
CA GLU A 337 -9.96 -23.32 11.30
C GLU A 337 -11.06 -23.86 12.22
N GLY A 338 -12.31 -23.52 11.92
CA GLY A 338 -13.40 -24.01 12.74
C GLY A 338 -13.87 -23.04 13.81
N PHE A 339 -13.18 -21.90 13.92
CA PHE A 339 -13.55 -20.91 14.93
C PHE A 339 -13.55 -19.48 14.40
N GLY A 340 -12.36 -18.94 14.14
CA GLY A 340 -12.29 -17.57 13.66
C GLY A 340 -10.91 -17.10 13.26
N THR A 341 -10.78 -15.81 12.98
CA THR A 341 -9.51 -15.26 12.54
C THR A 341 -9.12 -13.97 13.21
N ASP A 342 -7.83 -13.82 13.49
CA ASP A 342 -7.30 -12.58 14.06
C ASP A 342 -6.45 -11.95 12.96
N ALA A 343 -6.64 -10.65 12.75
CA ALA A 343 -5.88 -9.92 11.76
C ALA A 343 -5.29 -8.79 12.58
N VAL A 344 -3.98 -8.64 12.51
CA VAL A 344 -3.30 -7.61 13.27
C VAL A 344 -2.52 -6.64 12.41
N ILE A 345 -2.74 -5.35 12.67
CA ILE A 345 -2.02 -4.30 11.98
C ILE A 345 -1.02 -3.72 12.98
N TYR A 346 0.26 -3.81 12.66
CA TYR A 346 1.32 -3.27 13.50
C TYR A 346 1.84 -1.99 12.89
N LEU A 347 1.76 -0.91 13.66
CA LEU A 347 2.24 0.41 13.22
C LEU A 347 3.29 0.86 14.23
N LYS A 348 4.15 1.79 13.84
CA LYS A 348 5.14 2.29 14.77
C LYS A 348 4.43 3.34 15.58
N ALA A 349 4.61 3.33 16.90
CA ALA A 349 3.96 4.30 17.77
C ALA A 349 4.57 5.71 17.63
N LEU A 350 5.88 5.77 17.40
CA LEU A 350 6.57 7.06 17.28
C LEU A 350 6.76 7.57 15.84
N SER A 351 6.48 8.84 15.63
CA SER A 351 6.64 9.44 14.31
C SER A 351 8.12 9.34 13.91
N THR A 352 8.98 9.26 14.91
CA THR A 352 10.41 9.12 14.67
C THR A 352 10.75 7.81 13.98
N ASP A 353 10.02 6.75 14.33
CA ASP A 353 10.30 5.42 13.78
C ASP A 353 9.57 5.15 12.46
N SER A 354 8.62 6.03 12.14
CA SER A 354 7.81 5.89 10.93
C SER A 354 8.54 6.43 9.71
N VAL A 355 9.50 5.65 9.22
CA VAL A 355 10.28 6.03 8.06
C VAL A 355 9.87 5.25 6.83
N GLU A 356 9.67 5.98 5.74
CA GLU A 356 9.29 5.37 4.48
C GLU A 356 10.12 4.14 4.18
N ARG A 357 9.47 3.04 3.84
CA ARG A 357 10.18 1.83 3.48
C ARG A 357 10.14 1.79 1.95
N LEU A 358 11.27 2.09 1.33
CA LEU A 358 11.39 2.16 -0.11
C LEU A 358 12.20 1.06 -0.77
N PRO A 359 11.70 0.50 -1.87
CA PRO A 359 12.43 -0.57 -2.56
C PRO A 359 13.41 0.14 -3.50
N VAL A 360 14.63 -0.37 -3.60
CA VAL A 360 15.64 0.25 -4.47
C VAL A 360 16.28 -0.71 -5.46
N TYR A 361 16.72 -0.18 -6.59
CA TYR A 361 17.36 -0.98 -7.62
C TYR A 361 18.87 -1.10 -7.40
N ASN A 362 19.33 -2.31 -7.14
CA ASN A 362 20.76 -2.58 -6.93
C ASN A 362 21.10 -3.93 -7.53
N LYS A 363 22.35 -4.36 -7.33
CA LYS A 363 22.79 -5.66 -7.83
C LYS A 363 22.10 -6.68 -6.94
N SER A 364 21.65 -6.22 -5.77
CA SER A 364 20.96 -7.07 -4.81
C SER A 364 19.57 -7.44 -5.30
N ALA A 365 18.82 -6.43 -5.74
CA ALA A 365 17.46 -6.65 -6.25
C ALA A 365 17.47 -7.42 -7.56
N TRP A 366 18.60 -7.39 -8.26
CA TRP A 366 18.73 -8.07 -9.54
C TRP A 366 18.64 -9.60 -9.44
N ARG A 367 19.40 -10.18 -8.50
CA ARG A 367 19.42 -11.62 -8.32
C ARG A 367 18.20 -12.29 -7.69
N HIS A 368 17.18 -11.51 -7.36
CA HIS A 368 15.95 -12.08 -6.79
C HIS A 368 15.07 -12.55 -7.93
N TYR A 369 15.45 -12.16 -9.15
CA TYR A 369 14.74 -12.53 -10.36
C TYR A 369 15.46 -13.65 -11.10
N GLN A 370 16.50 -14.20 -10.47
CA GLN A 370 17.27 -15.28 -11.07
C GLN A 370 16.84 -16.62 -10.49
N THR A 371 15.59 -16.70 -10.04
CA THR A 371 15.05 -17.92 -9.46
C THR A 371 14.94 -19.04 -10.51
N ILE A 372 15.82 -20.02 -10.40
CA ILE A 372 15.86 -21.15 -11.32
C ILE A 372 15.42 -22.43 -10.59
N GLN A 373 14.43 -22.28 -9.71
CA GLN A 373 13.93 -23.41 -8.93
C GLN A 373 13.52 -24.62 -9.77
N GLU A 374 13.86 -25.80 -9.26
CA GLU A 374 13.55 -27.08 -9.89
C GLU A 374 14.09 -28.14 -8.93
N ALA A 375 13.20 -28.69 -8.11
CA ALA A 375 13.55 -29.70 -7.11
C ALA A 375 14.17 -28.96 -5.93
N GLY A 376 13.41 -28.83 -4.85
CA GLY A 376 13.89 -28.12 -3.67
C GLY A 376 14.82 -28.86 -2.72
N ASP A 377 15.03 -28.26 -1.55
CA ASP A 377 15.89 -28.82 -0.52
C ASP A 377 15.17 -29.72 0.48
N TRP A 378 13.84 -29.80 0.36
CA TRP A 378 13.05 -30.65 1.26
C TRP A 378 12.30 -31.71 0.44
N CYS A 379 12.07 -32.87 1.06
CA CYS A 379 11.35 -33.93 0.38
C CYS A 379 10.13 -34.30 1.20
N VAL A 380 9.46 -33.39 1.75
C1 TF2 B . 12.31 17.77 4.10
S1 TF2 B . 13.75 17.82 5.15
C2 TF2 B . 12.33 18.39 2.82
C3 TF2 B . 11.15 17.13 4.56
N1 TF2 B . 14.94 16.62 4.57
O1 TF2 B . 14.38 19.09 5.03
O2 TF2 B . 13.36 17.35 6.46
C4 TF2 B . 11.17 18.36 1.99
C5 TF2 B . 10.00 17.09 3.76
C6 TF2 B . 16.09 16.29 5.39
C7 TF2 B . 15.20 16.43 3.11
C8 TF2 B . 9.98 17.70 2.47
C9 TF2 B . 11.21 19.06 0.65
C10 TF2 B . 16.92 17.33 5.90
C11 TF2 B . 16.35 14.94 5.74
C12 TF2 B . 14.75 15.04 2.56
N2 TF2 B . 8.88 17.68 1.65
C13 TF2 B . 18.00 17.02 6.75
C14 TF2 B . 17.45 14.64 6.60
C15 TF2 B . 7.57 17.46 1.95
C16 TF2 B . 18.27 15.68 7.10
C17 TF2 B . 6.71 17.29 0.67
O3 TF2 B . 7.08 17.38 3.09
C18 TF2 B . 6.95 15.90 0.00
C19 TF2 B . 5.24 17.54 1.06
O4 TF2 B . 7.10 18.25 -0.31
F1 TF2 B . 6.20 15.77 -1.09
F2 TF2 B . 8.23 15.73 -0.32
F3 TF2 B . 6.60 14.93 0.84
#